data_2ZI9
#
_entry.id   2ZI9
#
_cell.length_a   56.390
_cell.length_b   132.710
_cell.length_c   157.470
_cell.angle_alpha   90.00
_cell.angle_beta   90.00
_cell.angle_gamma   90.00
#
_symmetry.space_group_name_H-M   'C 2 2 21'
#
loop_
_entity.id
_entity.type
_entity.pdbx_description
1 polymer 'Deoxycytidine kinase'
2 non-polymer "ADENOSINE-5'-DIPHOSPHATE"
3 non-polymer "2-chloro-2'-deoxyadenosine"
4 water water
#
_entity_poly.entity_id   1
_entity_poly.type   'polypeptide(L)'
_entity_poly.pdbx_seq_one_letter_code
;MGSSHHHHHHSGLVPRGSHMATPPKRSSPSFSASSEGTRIKKISIEGNIAAGKSTFVNILKQLSEDWEVVPEPVARWSNV
QSTQDEFEELTMSQKNGGNVLQMMYEKPERWSFTFQTYACLSRIRAQLASLNGKLKDAEKPVLFFERSVYSDRYIFASNL
YESESMNETEWTIYQDWHDWMNNQFGQSLELDGIIYLQATPETCLHRIYLRGRNEEQGIPLEYLEKLHYKHESWLLHRTL
KTNFDYLQEVPILTLDVNEDFKDKYASLVEKVKEFLSTL
;
_entity_poly.pdbx_strand_id   A,B
#
loop_
_chem_comp.id
_chem_comp.type
_chem_comp.name
_chem_comp.formula
ADP non-polymer ADENOSINE-5'-DIPHOSPHATE 'C10 H15 N5 O10 P2'
CL9 non-polymer 2-chloro-2'-deoxyadenosine 'C10 H12 Cl N5 O3'
#
# COMPACT_ATOMS: atom_id res chain seq x y z
N THR A 38 -13.48 16.60 11.67
CA THR A 38 -14.29 15.82 12.66
C THR A 38 -15.66 16.45 12.96
N ARG A 39 -15.81 17.73 12.56
CA ARG A 39 -17.12 18.38 12.59
C ARG A 39 -17.95 17.90 11.39
N ILE A 40 -17.24 17.48 10.35
CA ILE A 40 -17.80 16.89 9.14
C ILE A 40 -18.28 15.53 9.53
N LYS A 41 -19.51 15.19 9.17
CA LYS A 41 -19.99 13.82 9.32
C LYS A 41 -19.70 13.00 8.05
N LYS A 42 -19.48 11.70 8.24
CA LYS A 42 -19.08 10.78 7.17
C LYS A 42 -20.06 9.64 7.02
N ILE A 43 -20.60 9.52 5.80
CA ILE A 43 -21.68 8.58 5.48
C ILE A 43 -21.31 7.76 4.24
N SER A 44 -21.22 6.45 4.40
CA SER A 44 -20.85 5.64 3.23
C SER A 44 -22.10 5.10 2.49
N ILE A 45 -21.97 4.96 1.19
CA ILE A 45 -23.08 4.43 0.43
C ILE A 45 -22.65 3.03 -0.04
N GLU A 46 -23.29 2.02 0.56
CA GLU A 46 -22.96 0.65 0.26
C GLU A 46 -23.96 0.01 -0.72
N GLY A 47 -23.56 -1.10 -1.35
CA GLY A 47 -24.51 -1.88 -2.13
C GLY A 47 -24.00 -2.41 -3.45
N ASN A 48 -24.57 -3.52 -3.85
CA ASN A 48 -24.06 -4.38 -4.93
C ASN A 48 -23.89 -3.62 -6.25
N ILE A 49 -22.96 -4.07 -7.08
CA ILE A 49 -22.74 -3.44 -8.39
C ILE A 49 -24.06 -3.12 -9.06
N ALA A 50 -24.20 -1.85 -9.46
CA ALA A 50 -25.38 -1.30 -10.16
C ALA A 50 -26.63 -1.01 -9.33
N ALA A 51 -26.62 -1.36 -8.06
CA ALA A 51 -27.77 -1.02 -7.24
C ALA A 51 -28.15 0.47 -7.39
N GLY A 52 -27.16 1.34 -7.65
CA GLY A 52 -27.40 2.69 -8.15
C GLY A 52 -26.99 3.76 -7.16
N LYS A 53 -25.80 3.58 -6.59
CA LYS A 53 -25.30 4.42 -5.49
C LYS A 53 -24.96 5.79 -6.00
N SER A 54 -23.89 5.87 -6.80
CA SER A 54 -23.56 7.03 -7.62
C SER A 54 -24.79 7.82 -8.10
N THR A 55 -25.59 7.21 -8.97
CA THR A 55 -26.78 7.87 -9.49
C THR A 55 -27.56 8.47 -8.37
N PHE A 56 -27.94 7.65 -7.40
CA PHE A 56 -28.77 8.13 -6.31
C PHE A 56 -28.15 9.34 -5.67
N VAL A 57 -27.01 9.08 -5.03
CA VAL A 57 -26.35 9.99 -4.11
C VAL A 57 -25.79 11.26 -4.76
N ASN A 58 -25.45 11.20 -6.05
CA ASN A 58 -25.06 12.39 -6.78
C ASN A 58 -26.22 13.34 -7.01
N ILE A 59 -27.43 12.78 -6.97
CA ILE A 59 -28.66 13.56 -7.01
C ILE A 59 -28.93 14.15 -5.62
N LEU A 60 -28.72 13.32 -4.61
CA LEU A 60 -28.91 13.66 -3.21
C LEU A 60 -27.95 14.72 -2.66
N LYS A 61 -26.79 14.89 -3.30
CA LYS A 61 -25.86 15.96 -2.89
C LYS A 61 -26.32 17.36 -3.32
N GLN A 62 -27.14 17.43 -4.36
CA GLN A 62 -27.59 18.73 -4.88
C GLN A 62 -28.59 19.39 -3.93
N LEU A 63 -29.27 18.60 -3.10
CA LEU A 63 -30.11 19.16 -2.03
C LEU A 63 -29.41 20.20 -1.15
N SER A 64 -28.19 19.91 -0.67
CA SER A 64 -27.52 20.83 0.25
C SER A 64 -26.08 21.16 -0.10
N GLU A 65 -25.72 22.41 0.14
CA GLU A 65 -24.36 22.94 -0.11
C GLU A 65 -23.36 22.40 0.88
N ASP A 66 -23.86 22.05 2.07
CA ASP A 66 -23.08 21.40 3.14
C ASP A 66 -22.82 19.90 2.86
N TRP A 67 -23.27 19.40 1.71
CA TRP A 67 -23.07 17.99 1.36
C TRP A 67 -22.14 17.84 0.16
N GLU A 68 -21.12 16.98 0.29
CA GLU A 68 -20.23 16.64 -0.82
C GLU A 68 -19.93 15.15 -0.91
N VAL A 69 -19.56 14.69 -2.11
CA VAL A 69 -19.51 13.25 -2.42
C VAL A 69 -18.13 12.80 -2.89
N VAL A 70 -17.70 11.64 -2.40
CA VAL A 70 -16.42 11.09 -2.77
C VAL A 70 -16.62 9.92 -3.71
N PRO A 71 -16.49 10.16 -5.01
CA PRO A 71 -16.71 9.16 -6.03
C PRO A 71 -15.82 7.96 -5.81
N GLU A 72 -16.24 6.81 -6.29
CA GLU A 72 -15.40 5.61 -6.30
C GLU A 72 -14.55 5.57 -7.57
N PRO A 73 -13.22 5.59 -7.40
CA PRO A 73 -12.21 5.83 -8.46
C PRO A 73 -12.20 4.87 -9.65
N VAL A 74 -13.32 4.26 -9.98
CA VAL A 74 -13.35 3.16 -10.97
C VAL A 74 -12.67 3.58 -12.29
N ALA A 75 -12.79 4.87 -12.61
CA ALA A 75 -12.06 5.47 -13.71
C ALA A 75 -10.61 5.02 -13.68
N ARG A 76 -9.90 5.45 -12.65
CA ARG A 76 -8.53 5.05 -12.37
C ARG A 76 -8.30 3.59 -12.07
N TRP A 77 -9.21 2.68 -12.44
CA TRP A 77 -8.99 1.23 -12.37
C TRP A 77 -9.10 0.60 -13.75
N SER A 78 -9.83 1.28 -14.62
CA SER A 78 -9.88 0.88 -16.03
C SER A 78 -8.82 1.61 -16.85
N ASN A 79 -8.03 2.44 -16.17
CA ASN A 79 -6.95 3.18 -16.80
C ASN A 79 -5.84 3.52 -15.80
N VAL A 80 -4.93 2.57 -15.59
CA VAL A 80 -3.97 2.65 -14.52
C VAL A 80 -2.84 3.60 -14.90
N GLN A 81 -2.60 4.60 -14.05
CA GLN A 81 -1.58 5.62 -14.29
C GLN A 81 -1.08 6.43 -13.06
N SER A 82 0.14 6.11 -12.63
CA SER A 82 0.88 6.85 -11.60
C SER A 82 1.39 8.18 -12.15
N THR A 83 1.89 9.03 -11.26
CA THR A 83 2.14 10.45 -11.53
C THR A 83 3.38 10.64 -12.43
N GLN A 84 3.39 11.74 -13.19
CA GLN A 84 4.48 12.06 -14.15
C GLN A 84 5.54 13.00 -13.57
N ASP A 85 6.75 12.90 -14.13
CA ASP A 85 7.90 13.73 -13.77
C ASP A 85 7.71 15.22 -14.06
N GLU A 86 8.14 16.08 -13.14
CA GLU A 86 7.95 17.53 -13.27
C GLU A 86 8.24 18.11 -14.68
N PHE A 87 9.13 17.47 -15.43
CA PHE A 87 9.53 17.96 -16.77
C PHE A 87 8.96 17.07 -17.86
N GLU A 88 8.94 15.76 -17.60
CA GLU A 88 8.45 14.79 -18.56
C GLU A 88 7.07 15.21 -19.08
N GLU A 89 6.19 15.58 -18.13
CA GLU A 89 4.81 15.99 -18.39
C GLU A 89 4.67 17.21 -19.31
N LEU A 90 5.74 17.97 -19.50
CA LEU A 90 5.71 19.09 -20.43
C LEU A 90 5.80 18.68 -21.91
N THR A 91 6.55 17.61 -22.20
CA THR A 91 6.77 17.18 -23.59
C THR A 91 6.12 15.85 -23.93
N MET A 92 5.49 15.26 -22.92
CA MET A 92 4.93 13.92 -22.99
C MET A 92 3.57 13.92 -22.30
N SER A 93 2.58 13.34 -22.98
CA SER A 93 1.24 13.18 -22.43
C SER A 93 1.24 12.26 -21.22
N GLN A 94 0.04 12.10 -20.63
CA GLN A 94 -0.26 11.02 -19.68
C GLN A 94 -1.09 10.03 -20.48
N LYS A 95 -0.39 9.02 -21.01
CA LYS A 95 -0.96 8.06 -21.95
C LYS A 95 -1.79 6.97 -21.27
N ASN A 96 -2.51 6.22 -22.10
CA ASN A 96 -3.38 5.13 -21.68
C ASN A 96 -2.61 3.92 -21.23
N GLY A 97 -2.94 3.43 -20.04
CA GLY A 97 -2.26 2.27 -19.52
C GLY A 97 -3.27 1.28 -19.04
N GLY A 98 -2.78 0.12 -18.63
CA GLY A 98 -3.62 -1.01 -18.24
C GLY A 98 -4.93 -0.73 -17.55
N ASN A 99 -5.87 -1.63 -17.80
CA ASN A 99 -7.19 -1.59 -17.21
C ASN A 99 -7.22 -2.78 -16.26
N VAL A 100 -6.92 -2.51 -14.98
CA VAL A 100 -6.76 -3.62 -14.02
C VAL A 100 -8.10 -4.26 -13.67
N LEU A 101 -9.16 -3.46 -13.63
CA LEU A 101 -10.54 -3.93 -13.48
C LEU A 101 -10.86 -5.07 -14.43
N GLN A 102 -10.64 -4.83 -15.72
CA GLN A 102 -10.75 -5.89 -16.73
C GLN A 102 -9.95 -7.13 -16.36
N MET A 103 -8.74 -6.93 -15.85
CA MET A 103 -7.83 -8.05 -15.51
C MET A 103 -8.31 -8.87 -14.34
N MET A 104 -8.64 -8.19 -13.25
CA MET A 104 -9.23 -8.82 -12.07
C MET A 104 -10.50 -9.67 -12.38
N TYR A 105 -11.22 -9.38 -13.48
CA TYR A 105 -12.44 -10.10 -13.86
C TYR A 105 -12.24 -11.26 -14.84
N GLU A 106 -11.24 -11.17 -15.71
CA GLU A 106 -11.09 -12.15 -16.81
C GLU A 106 -10.12 -13.28 -16.45
N LYS A 107 -9.43 -13.09 -15.32
CA LYS A 107 -8.51 -14.07 -14.74
C LYS A 107 -8.31 -13.69 -13.27
N PRO A 108 -9.29 -14.03 -12.41
CA PRO A 108 -9.25 -13.56 -11.02
C PRO A 108 -8.08 -14.16 -10.29
N GLU A 109 -8.00 -15.49 -10.29
CA GLU A 109 -6.96 -16.29 -9.66
C GLU A 109 -5.62 -15.57 -9.61
N ARG A 110 -5.36 -14.76 -10.62
CA ARG A 110 -4.10 -14.10 -10.80
C ARG A 110 -4.16 -12.63 -10.41
N TRP A 111 -5.27 -11.93 -10.65
CA TRP A 111 -5.22 -10.46 -10.50
C TRP A 111 -5.88 -9.75 -9.29
N SER A 112 -6.51 -10.50 -8.40
CA SER A 112 -7.34 -9.94 -7.34
C SER A 112 -6.57 -9.22 -6.25
N PHE A 113 -5.48 -9.81 -5.76
CA PHE A 113 -4.67 -9.13 -4.76
C PHE A 113 -4.13 -7.83 -5.36
N THR A 114 -3.71 -7.92 -6.61
CA THR A 114 -3.30 -6.75 -7.39
C THR A 114 -4.45 -5.75 -7.64
N PHE A 115 -5.70 -6.18 -7.50
CA PHE A 115 -6.80 -5.22 -7.63
C PHE A 115 -7.23 -4.64 -6.27
N GLN A 116 -7.36 -5.52 -5.27
CA GLN A 116 -7.59 -5.14 -3.89
C GLN A 116 -6.55 -4.14 -3.40
N THR A 117 -5.29 -4.52 -3.41
CA THR A 117 -4.25 -3.59 -3.02
C THR A 117 -4.51 -2.19 -3.58
N TYR A 118 -4.78 -2.07 -4.88
CA TYR A 118 -4.93 -0.76 -5.54
C TYR A 118 -6.30 -0.08 -5.34
N ALA A 119 -7.36 -0.89 -5.40
CA ALA A 119 -8.72 -0.39 -5.25
C ALA A 119 -8.79 0.15 -3.84
N CYS A 120 -8.11 -0.49 -2.93
CA CYS A 120 -8.11 0.09 -1.63
C CYS A 120 -7.28 1.35 -1.44
N LEU A 121 -6.08 1.36 -2.00
CA LEU A 121 -5.19 2.52 -2.00
C LEU A 121 -5.88 3.77 -2.50
N SER A 122 -6.36 3.71 -3.74
CA SER A 122 -6.91 4.86 -4.44
C SER A 122 -8.13 5.38 -3.75
N ARG A 123 -8.83 4.47 -3.08
CA ARG A 123 -9.99 4.87 -2.32
C ARG A 123 -9.59 5.72 -1.11
N ILE A 124 -8.68 5.20 -0.28
CA ILE A 124 -8.27 5.90 0.94
C ILE A 124 -7.66 7.26 0.62
N ARG A 125 -6.71 7.27 -0.31
CA ARG A 125 -6.19 8.51 -0.89
C ARG A 125 -7.30 9.50 -1.26
N ALA A 126 -8.28 9.06 -2.05
CA ALA A 126 -9.42 9.93 -2.41
C ALA A 126 -10.21 10.47 -1.20
N GLN A 127 -10.74 9.57 -0.36
CA GLN A 127 -11.54 9.97 0.78
C GLN A 127 -10.76 10.87 1.73
N LEU A 128 -9.47 10.61 1.82
CA LEU A 128 -8.60 11.28 2.75
C LEU A 128 -8.37 12.73 2.37
N ALA A 129 -8.26 12.98 1.07
CA ALA A 129 -8.02 14.31 0.53
C ALA A 129 -9.24 15.22 0.65
N SER A 130 -10.42 14.60 0.60
CA SER A 130 -11.65 15.33 0.64
C SER A 130 -11.98 15.66 2.06
N LEU A 131 -11.51 14.84 2.99
CA LEU A 131 -11.59 15.18 4.40
C LEU A 131 -10.84 16.49 4.70
N ASN A 132 -9.66 16.66 4.09
CA ASN A 132 -8.76 17.79 4.40
C ASN A 132 -8.77 18.94 3.40
N GLY A 133 -9.60 18.85 2.37
CA GLY A 133 -9.64 19.89 1.34
C GLY A 133 -10.97 20.57 1.05
N LYS A 134 -12.04 20.05 1.64
CA LYS A 134 -13.40 20.46 1.29
C LYS A 134 -14.25 20.89 2.52
N LEU A 135 -15.40 21.50 2.26
CA LEU A 135 -16.41 21.80 3.30
C LEU A 135 -15.92 22.57 4.55
N LYS A 136 -14.94 23.45 4.38
CA LYS A 136 -14.44 24.30 5.47
C LYS A 136 -15.47 25.34 5.86
N ASP A 137 -15.98 26.07 4.87
CA ASP A 137 -17.00 27.09 5.10
C ASP A 137 -18.41 26.53 5.04
N ALA A 138 -18.71 25.62 5.95
CA ALA A 138 -19.98 24.91 5.99
C ALA A 138 -20.40 24.76 7.42
N GLU A 139 -21.69 24.98 7.68
CA GLU A 139 -22.22 24.79 9.02
C GLU A 139 -22.22 23.32 9.40
N LYS A 140 -23.28 22.60 9.05
CA LYS A 140 -23.33 21.17 9.34
C LYS A 140 -22.94 20.35 8.10
N PRO A 141 -21.62 19.99 7.95
CA PRO A 141 -21.12 19.37 6.73
C PRO A 141 -21.24 17.86 6.75
N VAL A 142 -21.42 17.30 5.56
CA VAL A 142 -21.58 15.86 5.42
C VAL A 142 -20.84 15.39 4.18
N LEU A 143 -20.00 14.38 4.37
CA LEU A 143 -19.24 13.77 3.28
C LEU A 143 -19.72 12.35 3.00
N PHE A 144 -20.16 12.10 1.78
CA PHE A 144 -20.64 10.76 1.42
C PHE A 144 -19.56 9.95 0.72
N PHE A 145 -19.46 8.67 1.07
CA PHE A 145 -18.58 7.75 0.32
C PHE A 145 -19.31 6.75 -0.60
N GLU A 146 -18.99 6.76 -1.89
CA GLU A 146 -19.30 5.59 -2.70
C GLU A 146 -18.43 4.47 -2.12
N ARG A 147 -19.02 3.62 -1.30
CA ARG A 147 -18.39 2.47 -0.64
C ARG A 147 -17.34 2.83 0.37
N SER A 148 -17.18 1.99 1.39
CA SER A 148 -16.18 2.19 2.46
C SER A 148 -14.94 1.37 2.18
N VAL A 149 -13.86 1.62 2.95
CA VAL A 149 -12.71 0.71 2.93
C VAL A 149 -13.05 -0.59 3.64
N TYR A 150 -14.09 -0.56 4.46
CA TYR A 150 -14.61 -1.75 5.12
C TYR A 150 -15.30 -2.69 4.13
N SER A 151 -16.07 -2.13 3.20
CA SER A 151 -16.66 -2.99 2.20
C SER A 151 -15.64 -3.59 1.23
N ASP A 152 -14.53 -2.90 0.93
CA ASP A 152 -13.49 -3.51 0.07
C ASP A 152 -13.04 -4.86 0.62
N ARG A 153 -12.66 -4.81 1.90
CA ARG A 153 -12.10 -5.93 2.64
C ARG A 153 -13.11 -7.02 3.03
N TYR A 154 -14.31 -6.64 3.44
CA TYR A 154 -15.26 -7.63 3.95
C TYR A 154 -16.28 -8.15 2.94
N ILE A 155 -16.24 -7.64 1.71
CA ILE A 155 -17.17 -8.08 0.69
C ILE A 155 -16.35 -8.58 -0.49
N PHE A 156 -15.78 -7.67 -1.28
CA PHE A 156 -15.08 -8.14 -2.46
C PHE A 156 -13.89 -8.99 -2.08
N ALA A 157 -12.91 -8.41 -1.42
CA ALA A 157 -11.70 -9.15 -1.05
C ALA A 157 -12.04 -10.49 -0.39
N SER A 158 -12.82 -10.47 0.70
CA SER A 158 -13.10 -11.70 1.40
C SER A 158 -13.94 -12.69 0.59
N ASN A 159 -14.89 -12.21 -0.22
CA ASN A 159 -15.55 -13.11 -1.18
C ASN A 159 -14.56 -13.75 -2.15
N LEU A 160 -13.60 -12.95 -2.64
CA LEU A 160 -12.59 -13.39 -3.59
C LEU A 160 -11.63 -14.36 -2.93
N TYR A 161 -11.40 -14.15 -1.64
CA TYR A 161 -10.67 -15.10 -0.84
C TYR A 161 -11.50 -16.34 -0.75
N GLU A 162 -12.80 -16.18 -0.50
CA GLU A 162 -13.67 -17.34 -0.26
C GLU A 162 -13.80 -18.28 -1.46
N SER A 163 -13.86 -17.72 -2.68
CA SER A 163 -13.87 -18.52 -3.92
C SER A 163 -12.46 -18.78 -4.46
N GLU A 164 -11.56 -19.11 -3.53
CA GLU A 164 -10.11 -19.16 -3.75
C GLU A 164 -9.55 -18.48 -5.00
N SER A 165 -9.72 -17.16 -5.09
CA SER A 165 -9.03 -16.34 -6.09
C SER A 165 -7.83 -15.62 -5.45
N MET A 166 -7.81 -15.58 -4.12
CA MET A 166 -6.64 -15.19 -3.36
C MET A 166 -6.26 -16.41 -2.55
N ASN A 167 -4.94 -16.68 -2.45
CA ASN A 167 -4.40 -17.75 -1.59
C ASN A 167 -4.16 -17.24 -0.17
N GLU A 168 -4.13 -18.14 0.83
CA GLU A 168 -3.96 -17.77 2.26
C GLU A 168 -2.92 -16.68 2.43
N THR A 169 -1.81 -16.88 1.74
CA THR A 169 -0.68 -15.96 1.72
C THR A 169 -1.09 -14.56 1.24
N GLU A 170 -1.69 -14.47 0.07
CA GLU A 170 -2.22 -13.19 -0.40
C GLU A 170 -3.26 -12.55 0.56
N TRP A 171 -4.08 -13.37 1.19
CA TRP A 171 -5.13 -12.87 2.07
C TRP A 171 -4.52 -12.36 3.39
N THR A 172 -3.47 -13.02 3.85
CA THR A 172 -2.81 -12.61 5.08
C THR A 172 -2.13 -11.26 4.87
N ILE A 173 -1.14 -11.23 3.99
CA ILE A 173 -0.57 -9.97 3.54
C ILE A 173 -1.60 -8.85 3.50
N TYR A 174 -2.74 -9.08 2.84
CA TYR A 174 -3.66 -8.02 2.49
C TYR A 174 -4.33 -7.40 3.71
N GLN A 175 -4.69 -8.27 4.67
CA GLN A 175 -5.35 -7.85 5.88
C GLN A 175 -4.32 -7.33 6.85
N ASP A 176 -3.05 -7.49 6.51
CA ASP A 176 -2.00 -7.03 7.38
C ASP A 176 -1.90 -5.58 7.05
N TRP A 177 -1.90 -5.31 5.75
CA TRP A 177 -1.71 -3.99 5.17
C TRP A 177 -2.91 -3.13 5.48
N HIS A 178 -4.10 -3.70 5.28
CA HIS A 178 -5.36 -3.02 5.58
C HIS A 178 -5.53 -2.72 7.05
N ASP A 179 -5.17 -3.66 7.90
CA ASP A 179 -5.31 -3.42 9.34
C ASP A 179 -4.45 -2.24 9.74
N TRP A 180 -3.21 -2.25 9.27
CA TRP A 180 -2.21 -1.25 9.63
C TRP A 180 -2.63 0.16 9.24
N MET A 181 -3.22 0.28 8.06
CA MET A 181 -3.58 1.57 7.51
C MET A 181 -4.70 2.26 8.31
N ASN A 182 -5.80 1.57 8.54
CA ASN A 182 -6.85 2.15 9.37
C ASN A 182 -6.48 2.15 10.86
N ASN A 183 -5.30 1.62 11.17
CA ASN A 183 -4.71 1.79 12.51
C ASN A 183 -3.96 3.11 12.52
N GLN A 184 -3.22 3.37 11.44
CA GLN A 184 -2.48 4.61 11.24
C GLN A 184 -3.32 5.89 11.02
N PHE A 185 -4.63 5.78 11.15
CA PHE A 185 -5.52 6.93 10.96
C PHE A 185 -6.51 6.96 12.11
N GLY A 186 -6.65 5.81 12.76
CA GLY A 186 -7.43 5.67 13.99
C GLY A 186 -8.90 6.05 13.85
N GLN A 187 -9.17 7.35 13.92
CA GLN A 187 -10.53 7.85 13.94
C GLN A 187 -10.84 8.77 12.76
N SER A 188 -9.80 9.14 12.00
CA SER A 188 -9.94 10.14 10.94
C SER A 188 -11.05 9.78 9.95
N LEU A 189 -11.18 8.50 9.63
CA LEU A 189 -12.16 8.10 8.64
C LEU A 189 -13.32 7.28 9.19
N GLU A 190 -13.37 7.13 10.51
CA GLU A 190 -14.51 6.51 11.18
C GLU A 190 -15.81 7.02 10.58
N LEU A 191 -16.58 6.11 9.98
CA LEU A 191 -17.90 6.42 9.48
C LEU A 191 -18.83 6.83 10.60
N ASP A 192 -19.73 7.76 10.29
CA ASP A 192 -20.69 8.22 11.29
C ASP A 192 -22.07 7.60 11.11
N GLY A 193 -22.28 6.98 9.95
CA GLY A 193 -23.52 6.29 9.58
C GLY A 193 -23.37 5.56 8.26
N ILE A 194 -24.25 4.60 7.99
CA ILE A 194 -24.22 3.90 6.71
C ILE A 194 -25.58 3.89 6.02
N ILE A 195 -25.60 4.24 4.74
CA ILE A 195 -26.81 4.08 3.92
C ILE A 195 -26.63 2.87 3.02
N TYR A 196 -27.37 1.81 3.34
CA TYR A 196 -27.39 0.60 2.54
C TYR A 196 -28.47 0.74 1.48
N LEU A 197 -28.06 0.70 0.22
CA LEU A 197 -29.02 0.69 -0.88
C LEU A 197 -29.29 -0.73 -1.35
N GLN A 198 -30.49 -1.22 -1.04
CA GLN A 198 -30.89 -2.58 -1.33
C GLN A 198 -31.47 -2.79 -2.71
N ALA A 199 -30.79 -3.55 -3.55
CA ALA A 199 -31.40 -4.06 -4.76
C ALA A 199 -31.25 -5.58 -4.85
N THR A 200 -32.01 -6.16 -5.76
CA THR A 200 -31.98 -7.59 -5.97
C THR A 200 -30.85 -7.94 -6.97
N PRO A 201 -30.31 -9.17 -6.91
CA PRO A 201 -29.29 -9.51 -7.89
C PRO A 201 -29.77 -9.40 -9.33
N GLU A 202 -31.06 -9.70 -9.55
CA GLU A 202 -31.66 -9.70 -10.87
C GLU A 202 -31.71 -8.28 -11.38
N THR A 203 -32.22 -7.39 -10.55
CA THR A 203 -32.21 -5.94 -10.81
C THR A 203 -30.82 -5.46 -11.14
N CYS A 204 -29.88 -5.82 -10.28
CA CYS A 204 -28.52 -5.37 -10.43
C CYS A 204 -28.00 -5.86 -11.75
N LEU A 205 -28.18 -7.16 -12.03
CA LEU A 205 -27.70 -7.69 -13.30
C LEU A 205 -28.22 -6.81 -14.42
N HIS A 206 -29.52 -6.51 -14.38
CA HIS A 206 -30.18 -5.60 -15.34
C HIS A 206 -29.55 -4.21 -15.41
N ARG A 207 -29.44 -3.56 -14.26
CA ARG A 207 -28.79 -2.23 -14.18
C ARG A 207 -27.34 -2.27 -14.69
N ILE A 208 -26.67 -3.41 -14.56
CA ILE A 208 -25.34 -3.63 -15.16
C ILE A 208 -25.42 -3.55 -16.69
N TYR A 209 -26.48 -4.12 -17.25
CA TYR A 209 -26.66 -4.11 -18.71
C TYR A 209 -27.02 -2.72 -19.22
N LEU A 210 -27.73 -1.94 -18.40
CA LEU A 210 -28.06 -0.55 -18.74
C LEU A 210 -26.82 0.30 -18.84
N ARG A 211 -26.05 0.34 -17.75
CA ARG A 211 -24.84 1.17 -17.64
C ARG A 211 -23.80 0.86 -18.71
N GLY A 212 -23.47 -0.42 -18.85
CA GLY A 212 -22.76 -0.86 -20.03
C GLY A 212 -21.24 -0.87 -20.03
N ARG A 213 -20.61 -0.77 -18.86
CA ARG A 213 -19.16 -0.97 -18.78
C ARG A 213 -18.88 -2.35 -19.30
N ASN A 214 -18.00 -2.41 -20.30
CA ASN A 214 -17.76 -3.67 -21.00
C ASN A 214 -17.22 -4.76 -20.09
N GLU A 215 -16.25 -4.41 -19.26
CA GLU A 215 -15.66 -5.37 -18.32
C GLU A 215 -16.67 -5.96 -17.32
N GLU A 216 -17.92 -5.54 -17.39
CA GLU A 216 -18.98 -6.13 -16.56
C GLU A 216 -20.01 -6.93 -17.35
N GLN A 217 -19.93 -6.91 -18.67
CA GLN A 217 -20.92 -7.65 -19.43
C GLN A 217 -20.76 -9.18 -19.28
N GLY A 218 -19.59 -9.62 -18.81
CA GLY A 218 -19.36 -11.03 -18.50
C GLY A 218 -19.85 -11.51 -17.13
N ILE A 219 -20.06 -10.58 -16.20
CA ILE A 219 -20.48 -10.94 -14.86
C ILE A 219 -21.77 -11.74 -14.83
N PRO A 220 -21.71 -12.97 -14.31
CA PRO A 220 -22.89 -13.84 -14.14
C PRO A 220 -23.70 -13.48 -12.90
N LEU A 221 -24.90 -14.03 -12.79
CA LEU A 221 -25.79 -13.75 -11.66
C LEU A 221 -25.27 -14.25 -10.31
N GLU A 222 -24.61 -15.41 -10.28
CA GLU A 222 -24.13 -16.01 -9.04
C GLU A 222 -23.14 -15.12 -8.32
N TYR A 223 -22.39 -14.33 -9.08
CA TYR A 223 -21.46 -13.42 -8.49
C TYR A 223 -22.20 -12.39 -7.64
N LEU A 224 -23.14 -11.66 -8.21
CA LEU A 224 -23.81 -10.57 -7.45
C LEU A 224 -24.59 -11.10 -6.24
N GLU A 225 -25.00 -12.35 -6.36
CA GLU A 225 -25.61 -13.08 -5.26
C GLU A 225 -24.63 -13.30 -4.11
N LYS A 226 -23.53 -14.02 -4.38
CA LYS A 226 -22.49 -14.14 -3.39
C LYS A 226 -22.28 -12.76 -2.77
N LEU A 227 -22.14 -11.72 -3.59
CA LEU A 227 -21.91 -10.37 -3.06
C LEU A 227 -23.08 -9.78 -2.28
N HIS A 228 -24.30 -10.04 -2.75
CA HIS A 228 -25.49 -9.60 -2.05
C HIS A 228 -25.56 -10.21 -0.65
N TYR A 229 -25.35 -11.52 -0.52
CA TYR A 229 -25.44 -12.09 0.80
C TYR A 229 -24.40 -11.45 1.77
N LYS A 230 -23.22 -11.12 1.27
CA LYS A 230 -22.25 -10.48 2.13
C LYS A 230 -22.74 -9.14 2.67
N HIS A 231 -23.38 -8.35 1.81
CA HIS A 231 -24.00 -7.10 2.20
C HIS A 231 -25.13 -7.30 3.17
N GLU A 232 -25.86 -8.39 3.04
CA GLU A 232 -26.97 -8.62 3.96
C GLU A 232 -26.44 -9.03 5.30
N SER A 233 -25.33 -9.76 5.31
CA SER A 233 -24.69 -10.14 6.56
C SER A 233 -24.11 -8.94 7.31
N TRP A 234 -23.49 -8.03 6.57
CA TRP A 234 -22.82 -6.90 7.19
C TRP A 234 -23.93 -5.98 7.70
N LEU A 235 -24.84 -5.69 6.80
CA LEU A 235 -25.73 -4.54 6.92
C LEU A 235 -27.20 -4.82 7.19
N LEU A 236 -27.65 -6.07 7.12
CA LEU A 236 -28.97 -6.35 7.63
C LEU A 236 -28.81 -7.03 8.94
N HIS A 237 -28.50 -8.31 8.85
CA HIS A 237 -28.52 -9.22 9.95
C HIS A 237 -27.45 -8.86 10.95
N ARG A 238 -26.49 -8.05 10.50
CA ARG A 238 -25.37 -7.55 11.32
C ARG A 238 -24.53 -8.68 11.96
N THR A 239 -24.55 -9.85 11.32
CA THR A 239 -23.93 -11.07 11.82
C THR A 239 -22.45 -11.15 11.55
N LEU A 240 -21.89 -10.19 10.82
CA LEU A 240 -20.52 -10.31 10.36
C LEU A 240 -19.49 -9.67 11.30
N LYS A 241 -18.45 -10.44 11.63
CA LYS A 241 -17.41 -10.01 12.55
C LYS A 241 -16.23 -9.37 11.81
N THR A 242 -16.09 -8.05 11.95
CA THR A 242 -14.95 -7.33 11.38
C THR A 242 -13.91 -7.21 12.45
N ASN A 243 -13.08 -6.20 12.32
CA ASN A 243 -11.90 -6.01 13.16
C ASN A 243 -11.95 -4.64 13.82
N PHE A 244 -12.98 -3.88 13.49
CA PHE A 244 -13.20 -2.56 14.02
C PHE A 244 -14.54 -2.61 14.69
N ASP A 245 -14.52 -2.55 16.01
CA ASP A 245 -15.68 -2.81 16.83
C ASP A 245 -16.70 -1.70 16.66
N TYR A 246 -16.24 -0.46 16.55
CA TYR A 246 -17.15 0.68 16.42
C TYR A 246 -18.13 0.45 15.25
N LEU A 247 -17.82 -0.49 14.37
CA LEU A 247 -18.71 -0.81 13.24
C LEU A 247 -20.06 -1.40 13.65
N GLN A 248 -20.05 -2.42 14.50
CA GLN A 248 -21.31 -2.96 15.01
C GLN A 248 -22.25 -1.82 15.40
N GLU A 249 -21.75 -0.84 16.16
CA GLU A 249 -22.64 0.16 16.74
C GLU A 249 -22.98 1.32 15.80
N VAL A 250 -22.39 1.31 14.60
CA VAL A 250 -22.64 2.39 13.63
C VAL A 250 -24.08 2.32 13.10
N PRO A 251 -24.87 3.40 13.25
CA PRO A 251 -26.22 3.48 12.65
C PRO A 251 -26.26 3.08 11.18
N ILE A 252 -27.32 2.40 10.80
CA ILE A 252 -27.43 1.91 9.42
C ILE A 252 -28.84 2.13 8.86
N LEU A 253 -28.92 3.00 7.88
CA LEU A 253 -30.17 3.22 7.16
C LEU A 253 -30.26 2.32 5.91
N THR A 254 -31.30 1.49 5.83
CA THR A 254 -31.47 0.56 4.70
C THR A 254 -32.56 1.05 3.77
N LEU A 255 -32.20 1.33 2.51
CA LEU A 255 -33.16 1.86 1.55
C LEU A 255 -33.35 0.91 0.39
N ASP A 256 -34.61 0.65 0.07
CA ASP A 256 -34.97 -0.15 -1.06
C ASP A 256 -34.87 0.69 -2.33
N VAL A 257 -34.00 0.27 -3.24
CA VAL A 257 -33.75 0.92 -4.52
C VAL A 257 -34.18 0.05 -5.70
N ASN A 258 -34.86 -1.06 -5.42
CA ASN A 258 -35.36 -1.94 -6.47
C ASN A 258 -36.26 -1.29 -7.55
N GLU A 259 -37.21 -0.47 -7.10
CA GLU A 259 -38.15 0.10 -8.04
C GLU A 259 -37.46 1.23 -8.78
N ASP A 260 -37.90 1.43 -10.01
CA ASP A 260 -37.46 2.49 -10.89
C ASP A 260 -37.45 3.82 -10.15
N PHE A 261 -36.51 4.70 -10.51
CA PHE A 261 -36.10 5.79 -9.62
C PHE A 261 -37.21 6.68 -9.11
N LYS A 262 -37.98 7.25 -10.04
CA LYS A 262 -38.98 8.31 -9.77
C LYS A 262 -39.93 8.10 -8.58
N ASP A 263 -40.43 6.88 -8.40
CA ASP A 263 -41.42 6.60 -7.36
C ASP A 263 -40.89 6.88 -5.95
N LYS A 264 -39.83 6.18 -5.57
CA LYS A 264 -39.42 6.17 -4.19
C LYS A 264 -38.49 7.30 -3.79
N TYR A 265 -38.07 8.11 -4.76
CA TYR A 265 -37.16 9.18 -4.47
C TYR A 265 -37.53 10.01 -3.26
N ALA A 266 -38.75 10.52 -3.25
CA ALA A 266 -39.22 11.37 -2.17
C ALA A 266 -38.99 10.70 -0.83
N SER A 267 -39.57 9.51 -0.69
CA SER A 267 -39.47 8.75 0.54
C SER A 267 -38.01 8.51 0.95
N LEU A 268 -37.13 8.34 -0.04
CA LEU A 268 -35.74 8.03 0.26
C LEU A 268 -35.08 9.30 0.76
N VAL A 269 -35.29 10.38 0.01
CA VAL A 269 -34.81 11.68 0.43
C VAL A 269 -35.32 12.04 1.84
N GLU A 270 -36.56 11.70 2.14
CA GLU A 270 -37.13 11.98 3.46
C GLU A 270 -36.57 11.07 4.57
N LYS A 271 -36.27 9.82 4.22
CA LYS A 271 -35.67 8.89 5.19
C LYS A 271 -34.22 9.24 5.47
N VAL A 272 -33.59 9.94 4.54
CA VAL A 272 -32.19 10.29 4.67
C VAL A 272 -31.99 11.50 5.58
N LYS A 273 -32.56 12.65 5.21
CA LYS A 273 -32.60 13.83 6.08
C LYS A 273 -33.01 13.48 7.52
N GLU A 274 -33.84 12.46 7.68
CA GLU A 274 -34.34 12.07 8.99
C GLU A 274 -33.21 11.41 9.77
N PHE A 275 -32.80 10.24 9.29
CA PHE A 275 -31.60 9.53 9.69
C PHE A 275 -30.46 10.48 10.04
N LEU A 276 -30.21 11.46 9.17
CA LEU A 276 -29.11 12.39 9.33
C LEU A 276 -29.24 13.28 10.57
N SER A 277 -30.47 13.68 10.87
CA SER A 277 -30.73 14.43 12.08
C SER A 277 -31.06 13.44 13.17
N THR A 278 -30.09 12.56 13.44
CA THR A 278 -30.09 11.69 14.60
C THR A 278 -28.64 11.57 15.05
N LEU A 279 -27.72 11.88 14.13
CA LEU A 279 -26.29 11.72 14.43
C LEU A 279 -25.74 12.78 15.43
N THR B 38 12.23 13.23 16.34
CA THR B 38 12.82 13.66 15.03
C THR B 38 14.22 14.29 15.22
N ARG B 39 14.66 14.28 16.47
CA ARG B 39 16.04 14.55 16.81
C ARG B 39 16.90 13.31 16.49
N ILE B 40 16.25 12.15 16.34
CA ILE B 40 16.92 10.90 15.97
C ILE B 40 17.51 10.98 14.54
N LYS B 41 18.85 11.06 14.44
CA LYS B 41 19.53 10.99 13.14
C LYS B 41 19.25 9.66 12.42
N LYS B 42 19.35 9.67 11.08
CA LYS B 42 18.80 8.57 10.30
C LYS B 42 19.70 8.17 9.16
N ILE B 43 20.25 6.98 9.30
CA ILE B 43 21.29 6.50 8.40
C ILE B 43 20.86 5.12 7.94
N SER B 44 20.95 4.86 6.65
CA SER B 44 20.57 3.53 6.18
C SER B 44 21.75 2.80 5.55
N ILE B 45 22.07 1.67 6.14
CA ILE B 45 23.09 0.80 5.61
C ILE B 45 22.54 0.15 4.34
N GLU B 46 23.32 0.20 3.26
CA GLU B 46 22.90 -0.27 1.93
C GLU B 46 23.84 -1.34 1.33
N GLY B 47 24.17 -1.27 0.06
CA GLY B 47 24.95 -2.36 -0.51
C GLY B 47 24.12 -3.61 -0.76
N ASN B 48 24.75 -4.58 -1.41
CA ASN B 48 24.04 -5.69 -2.10
C ASN B 48 23.56 -6.85 -1.20
N ILE B 49 22.93 -7.86 -1.80
CA ILE B 49 22.51 -9.00 -1.00
C ILE B 49 23.76 -9.66 -0.48
N ALA B 50 23.98 -9.53 0.83
CA ALA B 50 24.91 -10.36 1.56
C ALA B 50 26.28 -9.69 1.67
N ALA B 51 26.37 -8.45 1.23
CA ALA B 51 27.60 -7.67 1.39
C ALA B 51 28.17 -7.87 2.81
N GLY B 52 27.34 -7.67 3.82
CA GLY B 52 27.76 -7.73 5.22
C GLY B 52 26.98 -6.74 6.05
N LYS B 53 25.73 -6.49 5.68
CA LYS B 53 24.92 -5.52 6.39
C LYS B 53 24.67 -5.89 7.84
N SER B 54 23.77 -6.85 8.09
CA SER B 54 23.41 -7.18 9.47
C SER B 54 24.65 -7.26 10.35
N THR B 55 25.72 -7.81 9.79
CA THR B 55 26.99 -8.02 10.48
C THR B 55 27.58 -6.68 10.93
N PHE B 56 27.83 -5.81 9.97
CA PHE B 56 28.50 -4.55 10.22
C PHE B 56 27.75 -3.70 11.24
N VAL B 57 26.44 -3.63 11.04
CA VAL B 57 25.58 -2.75 11.82
C VAL B 57 25.35 -3.22 13.25
N ASN B 58 25.07 -4.51 13.46
CA ASN B 58 25.05 -5.04 14.82
C ASN B 58 26.40 -4.83 15.50
N ILE B 59 27.48 -4.79 14.71
CA ILE B 59 28.80 -4.47 15.22
C ILE B 59 28.88 -3.00 15.65
N LEU B 60 28.52 -2.10 14.73
CA LEU B 60 28.54 -0.67 15.02
C LEU B 60 27.56 -0.27 16.13
N LYS B 61 26.53 -1.07 16.37
CA LYS B 61 25.50 -0.80 17.40
C LYS B 61 26.12 -0.69 18.78
N GLN B 62 27.21 -1.42 18.99
CA GLN B 62 27.82 -1.58 20.32
C GLN B 62 28.67 -0.39 20.72
N LEU B 63 29.03 0.42 19.72
CA LEU B 63 29.88 1.61 19.91
C LEU B 63 29.23 2.65 20.81
N SER B 64 27.90 2.62 20.93
CA SER B 64 27.17 3.55 21.80
C SER B 64 25.95 2.97 22.48
N GLU B 65 25.74 3.40 23.73
CA GLU B 65 24.52 3.07 24.48
C GLU B 65 23.38 3.93 23.94
N ASP B 66 23.69 4.67 22.88
CA ASP B 66 22.87 5.73 22.32
C ASP B 66 22.43 5.43 20.89
N TRP B 67 22.98 4.38 20.27
CA TRP B 67 22.65 4.01 18.89
C TRP B 67 21.88 2.71 18.80
N GLU B 68 20.81 2.71 17.99
CA GLU B 68 20.02 1.49 17.70
C GLU B 68 19.94 1.08 16.22
N VAL B 69 19.29 -0.06 15.95
CA VAL B 69 19.31 -0.71 14.63
C VAL B 69 17.93 -1.22 14.18
N VAL B 70 17.48 -0.77 13.01
CA VAL B 70 16.24 -1.29 12.42
C VAL B 70 16.58 -2.26 11.30
N PRO B 71 16.60 -3.56 11.60
CA PRO B 71 17.04 -4.55 10.63
C PRO B 71 15.92 -4.89 9.67
N GLU B 72 16.25 -5.45 8.51
CA GLU B 72 15.18 -5.91 7.65
C GLU B 72 14.38 -6.95 8.41
N PRO B 73 13.06 -6.79 8.45
CA PRO B 73 12.22 -7.82 9.04
C PRO B 73 12.02 -8.95 8.04
N VAL B 74 13.13 -9.46 7.52
CA VAL B 74 13.15 -10.65 6.66
C VAL B 74 12.64 -11.89 7.44
N ALA B 75 12.80 -11.85 8.75
CA ALA B 75 12.19 -12.84 9.66
C ALA B 75 10.75 -13.09 9.23
N ARG B 76 9.93 -12.04 9.30
CA ARG B 76 8.53 -12.14 8.97
C ARG B 76 8.30 -12.81 7.61
N TRP B 77 8.87 -12.20 6.56
CA TRP B 77 8.75 -12.65 5.17
C TRP B 77 8.82 -14.17 4.91
N SER B 78 9.54 -14.90 5.75
CA SER B 78 9.73 -16.32 5.54
C SER B 78 8.55 -17.13 6.03
N ASN B 79 7.88 -16.61 7.04
CA ASN B 79 6.72 -17.26 7.64
C ASN B 79 5.67 -16.18 7.89
N VAL B 80 4.94 -15.82 6.84
CA VAL B 80 3.98 -14.70 6.93
C VAL B 80 2.76 -15.05 7.80
N GLN B 81 2.58 -14.29 8.88
CA GLN B 81 1.46 -14.50 9.80
C GLN B 81 0.72 -13.20 10.11
N ASN B 96 1.48 -21.94 10.82
CA ASN B 96 2.73 -21.58 10.18
C ASN B 96 2.54 -21.09 8.74
N GLY B 97 2.51 -19.76 8.58
CA GLY B 97 2.30 -19.11 7.28
C GLY B 97 3.34 -19.38 6.20
N GLY B 98 3.01 -18.92 5.00
CA GLY B 98 3.79 -19.21 3.78
C GLY B 98 5.00 -18.31 3.60
N ASN B 99 5.87 -18.73 2.67
CA ASN B 99 7.15 -18.06 2.43
C ASN B 99 7.13 -17.30 1.10
N VAL B 100 6.83 -16.02 1.18
CA VAL B 100 6.64 -15.20 0.00
C VAL B 100 7.99 -14.90 -0.66
N LEU B 101 9.03 -14.77 0.16
CA LEU B 101 10.40 -14.66 -0.34
C LEU B 101 10.81 -15.90 -1.11
N GLN B 102 10.53 -17.09 -0.58
CA GLN B 102 10.75 -18.31 -1.34
C GLN B 102 9.93 -18.23 -2.61
N MET B 103 8.61 -18.19 -2.44
CA MET B 103 7.65 -18.01 -3.54
C MET B 103 8.19 -17.10 -4.63
N MET B 104 8.55 -15.87 -4.27
CA MET B 104 9.05 -14.90 -5.26
C MET B 104 10.14 -15.48 -6.17
N TYR B 105 11.23 -15.95 -5.58
CA TYR B 105 12.37 -16.47 -6.34
C TYR B 105 12.03 -17.55 -7.34
N GLU B 106 11.05 -18.37 -7.02
CA GLU B 106 10.77 -19.52 -7.84
C GLU B 106 10.06 -19.12 -9.14
N LYS B 107 8.98 -18.34 -9.01
CA LYS B 107 8.19 -17.87 -10.15
C LYS B 107 7.95 -16.35 -9.99
N PRO B 108 8.95 -15.53 -10.35
CA PRO B 108 8.88 -14.10 -10.04
C PRO B 108 7.95 -13.32 -10.96
N GLU B 109 7.58 -13.91 -12.08
CA GLU B 109 6.62 -13.26 -12.98
C GLU B 109 5.26 -13.21 -12.29
N ARG B 110 4.97 -14.21 -11.47
CA ARG B 110 3.71 -14.27 -10.73
C ARG B 110 3.74 -13.47 -9.41
N TRP B 111 4.81 -13.60 -8.62
CA TRP B 111 4.79 -13.16 -7.21
C TRP B 111 5.54 -11.88 -6.85
N SER B 112 6.29 -11.34 -7.80
CA SER B 112 7.12 -10.20 -7.52
C SER B 112 6.36 -9.00 -6.97
N PHE B 113 5.32 -8.56 -7.64
CA PHE B 113 4.59 -7.39 -7.15
C PHE B 113 4.11 -7.64 -5.71
N THR B 114 3.62 -8.85 -5.49
CA THR B 114 3.01 -9.24 -4.26
C THR B 114 4.05 -9.17 -3.17
N PHE B 115 5.30 -9.46 -3.51
CA PHE B 115 6.39 -9.41 -2.54
C PHE B 115 6.81 -8.00 -2.24
N GLN B 116 7.12 -7.25 -3.30
CA GLN B 116 7.58 -5.88 -3.19
C GLN B 116 6.68 -5.03 -2.30
N THR B 117 5.36 -5.10 -2.52
CA THR B 117 4.49 -4.27 -1.69
C THR B 117 4.51 -4.75 -0.28
N TYR B 118 4.51 -6.06 -0.10
CA TYR B 118 4.57 -6.58 1.26
C TYR B 118 5.90 -6.28 1.96
N ALA B 119 6.98 -6.20 1.18
CA ALA B 119 8.33 -5.97 1.73
C ALA B 119 8.43 -4.53 2.14
N CYS B 120 7.91 -3.67 1.28
CA CYS B 120 7.97 -2.27 1.54
C CYS B 120 7.14 -1.98 2.77
N LEU B 121 5.96 -2.59 2.82
CA LEU B 121 5.09 -2.47 3.96
C LEU B 121 5.86 -2.74 5.27
N SER B 122 6.28 -3.98 5.48
CA SER B 122 6.98 -4.36 6.72
C SER B 122 8.14 -3.44 7.14
N ARG B 123 8.79 -2.78 6.17
CA ARG B 123 9.91 -1.89 6.47
C ARG B 123 9.44 -0.58 7.07
N ILE B 124 8.76 0.25 6.27
CA ILE B 124 8.02 1.42 6.76
C ILE B 124 7.53 1.19 8.18
N ARG B 125 7.02 -0.01 8.43
CA ARG B 125 6.33 -0.35 9.65
C ARG B 125 7.23 -0.60 10.88
N ALA B 126 8.48 -1.00 10.68
CA ALA B 126 9.39 -1.27 11.79
C ALA B 126 10.21 -0.03 12.05
N GLN B 127 10.74 0.51 10.96
CA GLN B 127 11.34 1.82 10.94
C GLN B 127 10.40 2.72 11.72
N LEU B 128 9.11 2.66 11.39
CA LEU B 128 8.18 3.51 12.09
C LEU B 128 8.16 3.17 13.54
N ALA B 129 7.94 1.89 13.85
CA ALA B 129 7.85 1.45 15.26
C ALA B 129 9.07 1.83 16.13
N SER B 130 10.23 2.02 15.50
CA SER B 130 11.46 2.21 16.26
C SER B 130 11.75 3.67 16.54
N LEU B 131 11.19 4.58 15.73
CA LEU B 131 11.21 6.00 16.08
C LEU B 131 10.41 6.31 17.36
N ASN B 132 9.43 5.48 17.69
CA ASN B 132 8.43 5.82 18.74
C ASN B 132 8.66 5.08 20.07
N GLY B 133 9.92 5.06 20.51
CA GLY B 133 10.30 4.42 21.77
C GLY B 133 11.80 4.14 21.84
N LYS B 134 12.19 3.24 22.75
CA LYS B 134 13.61 2.92 23.02
C LYS B 134 14.48 4.20 23.24
N LEU B 135 15.27 4.55 22.22
CA LEU B 135 16.06 5.78 22.17
C LEU B 135 15.37 6.99 22.77
N LYS B 136 14.10 7.16 22.40
CA LYS B 136 13.31 8.33 22.81
C LYS B 136 13.82 8.92 24.14
N ASP B 137 14.36 10.14 24.07
CA ASP B 137 14.97 10.79 25.23
C ASP B 137 16.31 10.17 25.53
N ALA B 138 17.33 10.57 24.76
CA ALA B 138 18.70 10.04 24.89
C ALA B 138 19.71 11.07 24.38
N GLU B 139 20.90 11.02 24.96
CA GLU B 139 21.98 11.99 24.73
C GLU B 139 22.10 12.54 23.30
N LYS B 140 22.11 11.65 22.30
CA LYS B 140 22.36 12.00 20.89
C LYS B 140 21.99 10.82 19.97
N PRO B 141 20.68 10.52 19.85
CA PRO B 141 20.15 9.28 19.27
C PRO B 141 20.50 9.07 17.81
N VAL B 142 20.66 7.82 17.40
CA VAL B 142 21.04 7.53 16.01
C VAL B 142 20.42 6.20 15.62
N LEU B 143 19.91 6.11 14.39
CA LEU B 143 19.14 4.93 13.96
C LEU B 143 19.59 4.33 12.63
N PHE B 144 20.06 3.09 12.65
CA PHE B 144 20.68 2.47 11.46
C PHE B 144 19.70 1.54 10.76
N PHE B 145 19.44 1.85 9.49
CA PHE B 145 18.42 1.15 8.76
C PHE B 145 19.02 0.12 7.88
N GLU B 146 18.78 -1.16 8.14
CA GLU B 146 19.11 -2.11 7.13
C GLU B 146 18.19 -1.83 5.92
N ARG B 147 18.75 -1.11 4.94
CA ARG B 147 18.06 -0.63 3.71
C ARG B 147 17.00 0.46 3.90
N SER B 148 16.21 0.69 2.87
CA SER B 148 15.20 1.74 2.95
C SER B 148 14.17 1.55 1.88
N VAL B 149 13.00 2.11 2.15
CA VAL B 149 11.95 2.30 1.15
C VAL B 149 12.55 2.73 -0.20
N TYR B 150 13.60 3.55 -0.18
CA TYR B 150 14.26 3.97 -1.42
C TYR B 150 15.06 2.87 -2.06
N SER B 151 15.71 2.03 -1.28
CA SER B 151 16.36 0.86 -1.89
C SER B 151 15.31 0.02 -2.61
N ASP B 152 14.18 -0.25 -1.94
CA ASP B 152 13.05 -1.05 -2.47
C ASP B 152 12.59 -0.67 -3.89
N ARG B 153 12.08 0.55 -4.05
CA ARG B 153 11.58 1.02 -5.33
C ARG B 153 12.68 1.03 -6.38
N TYR B 154 13.68 1.87 -6.16
CA TYR B 154 14.67 2.19 -7.19
C TYR B 154 15.82 1.18 -7.32
N ILE B 155 16.03 0.31 -6.33
CA ILE B 155 16.93 -0.84 -6.59
C ILE B 155 16.18 -2.14 -6.94
N PHE B 156 15.47 -2.72 -5.97
CA PHE B 156 14.91 -4.04 -6.18
C PHE B 156 13.72 -4.05 -7.15
N ALA B 157 12.64 -3.39 -6.76
CA ALA B 157 11.48 -3.20 -7.60
C ALA B 157 11.85 -2.85 -9.03
N SER B 158 12.51 -1.70 -9.19
CA SER B 158 12.84 -1.21 -10.52
C SER B 158 13.48 -2.32 -11.32
N ASN B 159 14.48 -2.99 -10.74
CA ASN B 159 15.19 -4.08 -11.40
C ASN B 159 14.30 -5.24 -11.87
N LEU B 160 13.29 -5.60 -11.09
CA LEU B 160 12.41 -6.71 -11.43
C LEU B 160 11.48 -6.34 -12.59
N TYR B 161 11.28 -5.03 -12.77
CA TYR B 161 10.53 -4.47 -13.88
C TYR B 161 11.28 -4.62 -15.20
N GLU B 162 12.57 -4.26 -15.22
CA GLU B 162 13.48 -4.56 -16.34
C GLU B 162 13.53 -6.06 -16.64
N SER B 163 13.69 -6.85 -15.58
CA SER B 163 13.75 -8.30 -15.69
C SER B 163 12.52 -8.88 -16.41
N GLU B 164 11.53 -8.02 -16.65
CA GLU B 164 10.21 -8.37 -17.24
C GLU B 164 9.40 -9.32 -16.35
N SER B 165 9.57 -9.19 -15.04
CA SER B 165 8.89 -10.02 -14.06
C SER B 165 7.69 -9.30 -13.46
N MET B 166 7.79 -7.96 -13.44
CA MET B 166 6.70 -7.07 -13.10
C MET B 166 6.31 -6.35 -14.37
N ASN B 167 5.02 -6.35 -14.70
CA ASN B 167 4.60 -5.86 -16.00
C ASN B 167 4.37 -4.36 -16.03
N GLU B 168 3.78 -3.90 -17.14
CA GLU B 168 3.65 -2.48 -17.34
C GLU B 168 2.73 -1.85 -16.31
N THR B 169 1.74 -2.64 -15.89
CA THR B 169 0.66 -2.21 -15.01
C THR B 169 1.02 -2.30 -13.52
N GLU B 170 1.65 -3.41 -13.16
CA GLU B 170 2.14 -3.70 -11.83
C GLU B 170 3.17 -2.68 -11.40
N TRP B 171 4.08 -2.40 -12.31
CA TRP B 171 5.15 -1.45 -12.08
C TRP B 171 4.55 -0.11 -11.75
N THR B 172 3.54 0.27 -12.54
CA THR B 172 2.77 1.51 -12.33
C THR B 172 1.91 1.55 -11.04
N ILE B 173 1.18 0.46 -10.76
CA ILE B 173 0.42 0.42 -9.53
C ILE B 173 1.37 0.54 -8.33
N TYR B 174 2.44 -0.26 -8.34
CA TYR B 174 3.41 -0.22 -7.27
C TYR B 174 3.91 1.19 -6.96
N GLN B 175 4.40 1.92 -7.97
CA GLN B 175 4.91 3.28 -7.78
C GLN B 175 3.87 4.26 -7.29
N ASP B 176 2.60 4.01 -7.65
CA ASP B 176 1.50 4.87 -7.17
C ASP B 176 1.40 4.60 -5.70
N TRP B 177 1.30 3.31 -5.41
CA TRP B 177 1.24 2.76 -4.08
C TRP B 177 2.39 3.28 -3.23
N HIS B 178 3.62 3.17 -3.74
CA HIS B 178 4.83 3.55 -3.00
C HIS B 178 4.88 5.05 -2.71
N ASP B 179 4.49 5.86 -3.70
CA ASP B 179 4.45 7.30 -3.53
C ASP B 179 3.49 7.72 -2.45
N TRP B 180 2.24 7.27 -2.58
CA TRP B 180 1.23 7.59 -1.62
C TRP B 180 1.81 7.37 -0.22
N MET B 181 2.15 6.12 0.07
CA MET B 181 2.70 5.70 1.34
C MET B 181 3.84 6.60 1.86
N ASN B 182 4.56 7.24 0.94
CA ASN B 182 5.71 8.08 1.29
C ASN B 182 5.53 9.55 0.93
N ASN B 183 4.29 9.95 0.70
CA ASN B 183 3.93 11.34 0.83
C ASN B 183 3.28 11.44 2.20
N GLN B 184 2.98 10.27 2.79
CA GLN B 184 2.39 10.18 4.12
C GLN B 184 3.44 9.85 5.21
N PHE B 185 3.69 8.55 5.39
CA PHE B 185 4.49 8.05 6.52
C PHE B 185 5.98 8.31 6.38
N GLY B 186 6.46 8.26 5.14
CA GLY B 186 7.86 8.51 4.84
C GLY B 186 8.20 9.98 4.86
N GLN B 187 7.32 10.78 5.45
CA GLN B 187 7.64 12.17 5.82
C GLN B 187 7.95 12.13 7.32
N SER B 188 8.79 11.16 7.70
CA SER B 188 9.21 10.90 9.07
C SER B 188 10.50 10.07 9.05
N LEU B 189 10.69 9.35 7.93
CA LEU B 189 11.86 8.50 7.72
C LEU B 189 12.78 9.14 6.68
N GLU B 190 13.03 10.43 6.84
CA GLU B 190 13.84 11.17 5.89
C GLU B 190 15.30 10.93 6.26
N LEU B 191 16.05 10.40 5.29
CA LEU B 191 17.44 10.01 5.47
C LEU B 191 18.31 11.22 5.70
N ASP B 192 19.18 11.10 6.69
CA ASP B 192 20.17 12.08 7.00
C ASP B 192 21.52 11.68 6.42
N GLY B 193 21.70 10.38 6.17
CA GLY B 193 22.92 9.86 5.53
C GLY B 193 22.74 8.49 4.92
N ILE B 194 23.58 8.13 3.95
CA ILE B 194 23.64 6.75 3.45
C ILE B 194 25.06 6.20 3.64
N ILE B 195 25.17 5.03 4.26
CA ILE B 195 26.44 4.30 4.39
C ILE B 195 26.38 3.06 3.51
N TYR B 196 26.79 3.20 2.26
CA TYR B 196 26.89 2.10 1.28
C TYR B 196 28.08 1.20 1.63
N LEU B 197 27.86 -0.11 1.57
CA LEU B 197 28.92 -1.09 1.76
C LEU B 197 29.09 -1.89 0.45
N GLN B 198 30.14 -1.56 -0.31
CA GLN B 198 30.38 -2.21 -1.61
C GLN B 198 30.93 -3.64 -1.44
N ALA B 199 30.50 -4.55 -2.31
CA ALA B 199 31.12 -5.88 -2.40
C ALA B 199 30.79 -6.44 -3.77
N THR B 200 31.82 -6.89 -4.48
CA THR B 200 31.70 -7.30 -5.88
C THR B 200 30.84 -8.53 -6.04
N PRO B 201 30.00 -8.58 -7.08
CA PRO B 201 29.13 -9.71 -7.41
C PRO B 201 29.57 -11.08 -6.86
N GLU B 202 30.76 -11.54 -7.24
CA GLU B 202 31.28 -12.87 -6.85
C GLU B 202 31.53 -13.10 -5.35
N THR B 203 31.65 -12.03 -4.58
CA THR B 203 31.80 -12.19 -3.15
C THR B 203 30.46 -12.52 -2.51
N CYS B 204 29.47 -11.67 -2.83
CA CYS B 204 28.07 -11.88 -2.47
C CYS B 204 27.54 -13.26 -2.93
N LEU B 205 27.80 -13.65 -4.19
CA LEU B 205 27.40 -14.98 -4.65
C LEU B 205 27.85 -16.09 -3.69
N HIS B 206 29.08 -15.94 -3.17
CA HIS B 206 29.71 -16.91 -2.26
C HIS B 206 29.27 -16.68 -0.79
N ARG B 207 29.14 -15.43 -0.38
CA ARG B 207 28.53 -15.14 0.94
C ARG B 207 27.10 -15.67 1.05
N ILE B 208 26.40 -15.79 -0.08
CA ILE B 208 25.06 -16.40 -0.08
C ILE B 208 25.08 -17.88 0.35
N TYR B 209 26.20 -18.55 0.08
CA TYR B 209 26.45 -19.88 0.62
C TYR B 209 26.92 -19.81 2.09
N LEU B 210 27.71 -18.80 2.44
CA LEU B 210 28.13 -18.70 3.87
C LEU B 210 26.92 -18.60 4.79
N ARG B 211 25.84 -18.01 4.28
CA ARG B 211 24.62 -17.87 5.06
C ARG B 211 23.70 -19.09 4.92
N GLY B 212 23.62 -19.65 3.71
CA GLY B 212 22.85 -20.86 3.48
C GLY B 212 21.35 -20.70 3.61
N ARG B 213 20.85 -19.51 3.28
CA ARG B 213 19.42 -19.27 3.31
C ARG B 213 18.77 -20.04 2.16
N ASN B 214 18.19 -21.20 2.49
CA ASN B 214 17.62 -22.17 1.52
C ASN B 214 16.99 -21.53 0.27
N GLU B 215 16.23 -20.45 0.48
CA GLU B 215 15.60 -19.70 -0.58
C GLU B 215 16.56 -18.83 -1.40
N GLU B 216 17.87 -19.09 -1.32
CA GLU B 216 18.86 -18.23 -2.00
C GLU B 216 19.88 -18.92 -2.91
N GLN B 217 20.26 -20.16 -2.61
CA GLN B 217 21.22 -20.87 -3.49
C GLN B 217 20.55 -21.28 -4.83
N GLY B 218 20.33 -20.29 -5.67
CA GLY B 218 19.61 -20.43 -6.93
C GLY B 218 19.86 -19.12 -7.62
N ILE B 219 19.89 -18.07 -6.81
CA ILE B 219 20.36 -16.74 -7.21
C ILE B 219 21.63 -16.84 -8.04
N PRO B 220 21.54 -16.43 -9.32
CA PRO B 220 22.68 -16.42 -10.23
C PRO B 220 23.56 -15.18 -10.08
N LEU B 221 24.78 -15.26 -10.59
CA LEU B 221 25.66 -14.11 -10.72
C LEU B 221 24.97 -12.98 -11.50
N GLU B 222 24.40 -13.35 -12.64
CA GLU B 222 23.75 -12.39 -13.55
C GLU B 222 22.86 -11.42 -12.79
N TYR B 223 21.93 -11.98 -12.01
CA TYR B 223 21.10 -11.25 -11.06
C TYR B 223 21.93 -10.26 -10.25
N LEU B 224 22.95 -10.77 -9.57
CA LEU B 224 23.68 -9.98 -8.59
C LEU B 224 24.45 -8.83 -9.22
N GLU B 225 24.66 -8.90 -10.53
CA GLU B 225 25.36 -7.81 -11.19
C GLU B 225 24.40 -6.66 -11.49
N LYS B 226 23.19 -7.00 -11.93
CA LYS B 226 22.14 -6.00 -12.12
C LYS B 226 21.95 -5.21 -10.81
N LEU B 227 21.72 -5.95 -9.73
CA LEU B 227 21.60 -5.34 -8.42
C LEU B 227 22.78 -4.47 -8.16
N HIS B 228 23.94 -4.96 -8.56
CA HIS B 228 25.18 -4.22 -8.39
C HIS B 228 25.20 -2.93 -9.19
N TYR B 229 24.62 -2.93 -10.38
CA TYR B 229 24.64 -1.72 -11.20
C TYR B 229 23.78 -0.61 -10.62
N LYS B 230 22.66 -0.99 -10.01
CA LYS B 230 21.73 0.00 -9.50
C LYS B 230 22.28 0.73 -8.28
N HIS B 231 23.14 0.05 -7.51
CA HIS B 231 23.72 0.66 -6.33
C HIS B 231 24.77 1.69 -6.74
N GLU B 232 25.66 1.29 -7.68
CA GLU B 232 26.66 2.20 -8.26
C GLU B 232 25.96 3.46 -8.69
N SER B 233 25.09 3.29 -9.68
CA SER B 233 24.33 4.38 -10.27
C SER B 233 23.82 5.31 -9.19
N TRP B 234 22.98 4.79 -8.31
CA TRP B 234 22.33 5.60 -7.29
C TRP B 234 23.36 6.22 -6.35
N LEU B 235 24.29 5.39 -5.90
CA LEU B 235 25.07 5.74 -4.74
C LEU B 235 26.52 6.17 -5.03
N LEU B 236 27.22 5.42 -5.88
CA LEU B 236 28.61 5.73 -6.19
C LEU B 236 28.69 7.02 -7.04
N HIS B 237 28.29 6.88 -8.31
CA HIS B 237 28.30 8.00 -9.25
C HIS B 237 27.29 9.09 -8.90
N ARG B 238 26.14 8.68 -8.33
CA ARG B 238 24.94 9.53 -8.18
C ARG B 238 24.29 9.81 -9.54
N THR B 239 24.34 8.82 -10.44
CA THR B 239 23.86 8.97 -11.81
C THR B 239 22.42 8.51 -11.96
N LEU B 240 21.63 8.72 -10.91
CA LEU B 240 20.25 8.28 -10.85
C LEU B 240 19.49 9.23 -9.93
N LYS B 241 19.11 10.38 -10.48
CA LYS B 241 18.30 11.31 -9.71
C LYS B 241 16.85 10.80 -9.77
N THR B 242 16.32 10.51 -8.59
CA THR B 242 15.04 9.83 -8.41
C THR B 242 13.86 10.75 -8.70
N ASN B 243 12.72 10.46 -8.07
CA ASN B 243 11.68 11.46 -7.89
C ASN B 243 11.52 11.74 -6.39
N PHE B 244 12.64 12.03 -5.75
CA PHE B 244 12.67 12.51 -4.37
C PHE B 244 13.71 13.63 -4.24
N ASP B 245 13.22 14.87 -4.31
CA ASP B 245 14.07 16.07 -4.33
C ASP B 245 15.13 16.12 -3.22
N TYR B 246 14.80 15.60 -2.05
CA TYR B 246 15.65 15.77 -0.88
C TYR B 246 16.91 14.89 -0.91
N LEU B 247 16.82 13.75 -1.60
CA LEU B 247 17.90 12.78 -1.63
C LEU B 247 19.23 13.37 -2.07
N GLN B 248 19.23 14.02 -3.22
CA GLN B 248 20.47 14.38 -3.93
C GLN B 248 21.66 14.99 -3.12
N GLU B 249 21.39 15.84 -2.13
CA GLU B 249 22.50 16.41 -1.32
C GLU B 249 22.86 15.57 -0.08
N VAL B 250 22.02 14.60 0.25
CA VAL B 250 22.22 13.80 1.46
C VAL B 250 23.51 12.99 1.42
N PRO B 251 24.33 13.10 2.50
CA PRO B 251 25.69 12.59 2.58
C PRO B 251 25.78 11.08 2.39
N ILE B 252 26.84 10.64 1.72
CA ILE B 252 27.08 9.22 1.52
C ILE B 252 28.53 8.84 1.84
N LEU B 253 28.69 7.92 2.78
CA LEU B 253 29.98 7.36 3.14
C LEU B 253 30.16 5.92 2.63
N THR B 254 30.94 5.71 1.57
CA THR B 254 31.28 4.35 1.10
C THR B 254 32.35 3.66 1.94
N LEU B 255 32.17 2.34 2.16
CA LEU B 255 33.17 1.47 2.79
C LEU B 255 33.33 0.17 2.02
N ASP B 256 34.57 -0.32 1.90
CA ASP B 256 34.81 -1.64 1.26
C ASP B 256 34.57 -2.76 2.24
N VAL B 257 34.03 -3.87 1.75
CA VAL B 257 33.76 -5.04 2.59
C VAL B 257 34.08 -6.37 1.88
N ASN B 258 34.86 -6.30 0.80
CA ASN B 258 35.26 -7.52 0.08
C ASN B 258 36.25 -8.41 0.84
N GLU B 259 37.31 -7.80 1.37
CA GLU B 259 38.21 -8.51 2.28
C GLU B 259 37.47 -8.95 3.52
N ASP B 260 38.05 -9.92 4.22
CA ASP B 260 37.47 -10.48 5.42
C ASP B 260 37.44 -9.42 6.52
N PHE B 261 36.64 -9.65 7.56
CA PHE B 261 36.95 -9.02 8.83
C PHE B 261 38.22 -9.69 9.30
N LYS B 262 39.35 -9.12 8.90
CA LYS B 262 40.64 -9.63 9.27
C LYS B 262 41.50 -8.48 9.76
N ASP B 263 41.71 -7.50 8.88
CA ASP B 263 42.68 -6.41 9.09
C ASP B 263 42.29 -5.22 8.24
N LYS B 264 41.16 -4.61 8.60
CA LYS B 264 40.60 -3.46 7.88
C LYS B 264 39.27 -3.08 8.51
N TYR B 265 38.62 -4.09 9.10
CA TYR B 265 37.25 -3.99 9.58
C TYR B 265 37.11 -3.04 10.76
N ALA B 266 37.69 -3.37 11.90
CA ALA B 266 37.56 -2.50 13.06
C ALA B 266 37.80 -1.05 12.65
N SER B 267 38.75 -0.85 11.73
CA SER B 267 39.10 0.47 11.22
C SER B 267 37.88 1.22 10.64
N LEU B 268 37.02 0.48 9.92
CA LEU B 268 35.84 1.05 9.26
C LEU B 268 34.97 1.79 10.25
N VAL B 269 34.62 1.13 11.35
CA VAL B 269 33.99 1.79 12.49
C VAL B 269 34.36 3.28 12.62
N GLU B 270 35.64 3.61 12.51
CA GLU B 270 36.08 4.99 12.68
C GLU B 270 35.62 5.86 11.55
N LYS B 271 35.80 5.37 10.32
CA LYS B 271 35.22 6.03 9.14
C LYS B 271 33.78 6.45 9.43
N VAL B 272 33.20 5.95 10.52
CA VAL B 272 31.88 6.38 10.92
C VAL B 272 31.97 7.34 12.10
N LYS B 273 32.36 6.86 13.28
CA LYS B 273 32.33 7.66 14.51
C LYS B 273 32.56 9.17 14.28
N GLU B 274 33.56 9.48 13.47
CA GLU B 274 33.82 10.84 13.04
C GLU B 274 32.78 11.25 11.98
N PHE B 275 32.70 10.52 10.87
CA PHE B 275 31.73 10.81 9.77
C PHE B 275 30.34 11.23 10.23
N LEU B 276 29.86 10.60 11.31
CA LEU B 276 28.56 10.93 11.84
C LEU B 276 28.43 12.40 12.23
N SER B 277 29.04 12.76 13.35
CA SER B 277 28.94 14.12 13.89
C SER B 277 29.70 15.19 13.06
N THR B 278 30.06 14.85 11.81
CA THR B 278 30.52 15.88 10.87
C THR B 278 29.33 16.72 10.37
N LEU B 279 28.14 16.32 10.84
CA LEU B 279 26.95 17.18 10.86
C LEU B 279 26.10 16.87 12.10
PB ADP C . -23.63 1.91 -8.76
O1B ADP C . -22.83 3.17 -8.82
O2B ADP C . -24.35 1.65 -7.44
O3B ADP C . -22.98 0.65 -9.29
PA ADP C . -25.03 3.43 -10.83
O1A ADP C . -25.41 4.66 -10.00
O2A ADP C . -23.93 3.62 -11.85
O3A ADP C . -24.78 2.14 -9.87
O5' ADP C . -26.32 2.83 -11.56
C5' ADP C . -26.28 1.66 -12.40
C4' ADP C . -27.21 1.86 -13.62
O4' ADP C . -28.59 1.79 -13.25
C3' ADP C . -27.03 3.25 -14.22
O3' ADP C . -27.43 3.21 -15.58
C2' ADP C . -28.00 4.11 -13.42
O2' ADP C . -28.30 5.34 -14.04
C1' ADP C . -29.16 3.13 -13.30
N9 ADP C . -29.95 3.38 -12.08
C8 ADP C . -29.55 3.78 -10.83
N7 ADP C . -30.64 3.86 -10.00
C5 ADP C . -31.72 3.53 -10.75
C6 ADP C . -33.18 3.40 -10.53
N6 ADP C . -33.72 3.63 -9.40
N1 ADP C . -33.96 3.01 -11.54
C2 ADP C . -33.48 2.70 -12.87
N3 ADP C . -32.03 2.85 -13.01
C4 ADP C . -31.24 3.24 -12.00
C2 CL9 D . -13.70 -5.60 -6.54
C4 CL9 D . -14.69 -3.62 -7.03
C5 CL9 D . -14.31 -3.13 -5.77
C6 CL9 D . -13.60 -3.93 -4.93
C8 CL9 D . -15.40 -1.60 -6.81
CL CL9 D . -13.25 -7.24 -7.07
N3 CL9 D . -14.38 -4.85 -7.40
N9 CL9 D . -15.37 -2.67 -7.63
N7 CL9 D . -14.76 -1.89 -5.66
N6 CL9 D . -13.23 -3.47 -3.71
N1 CL9 D . -13.29 -5.17 -5.32
C1' CL9 D . -15.92 -2.74 -8.99
C2' CL9 D . -17.23 -3.47 -9.12
C3' CL9 D . -17.81 -2.79 -10.33
O3' CL9 D . -17.32 -3.48 -11.48
C4' CL9 D . -17.22 -1.39 -10.34
O4' CL9 D . -16.16 -1.41 -9.41
C5' CL9 D . -18.13 -0.29 -9.87
O5' CL9 D . -17.83 -0.18 -8.48
PB ADP E . 23.57 -8.82 4.50
O1B ADP E . 22.96 -8.53 5.85
O2B ADP E . 24.19 -7.65 3.77
O3B ADP E . 22.72 -9.65 3.60
PA ADP E . 25.05 -10.44 6.39
O1A ADP E . 25.53 -9.37 7.35
O2A ADP E . 23.88 -11.29 6.80
O3A ADP E . 24.77 -9.79 4.92
O5' ADP E . 26.25 -11.47 6.02
C5' ADP E . 26.10 -12.47 5.01
C4' ADP E . 26.97 -13.72 5.24
O4' ADP E . 28.35 -13.45 5.04
C3' ADP E . 26.89 -14.35 6.62
O3' ADP E . 26.99 -15.76 6.46
C2' ADP E . 28.12 -13.83 7.36
O2' ADP E . 28.69 -14.85 8.13
C1' ADP E . 29.10 -13.51 6.26
N9 ADP E . 29.80 -12.20 6.37
C8 ADP E . 29.27 -10.99 6.67
N7 ADP E . 30.26 -10.05 6.63
C5 ADP E . 31.41 -10.67 6.29
C6 ADP E . 32.82 -10.23 6.07
N6 ADP E . 33.15 -9.02 6.23
N1 ADP E . 33.72 -11.15 5.74
C2 ADP E . 33.42 -12.57 5.55
N3 ADP E . 32.02 -12.90 5.78
C4 ADP E . 31.09 -11.97 6.13
C2 CL9 F . 13.61 -7.83 -3.08
C4 CL9 F . 14.52 -7.74 -0.95
C5 CL9 F . 14.03 -6.45 -0.82
C6 CL9 F . 13.32 -5.87 -1.87
C8 CL9 F . 15.08 -7.02 1.00
CL CL9 F . 13.35 -8.77 -4.57
N3 CL9 F . 14.29 -8.42 -2.09
N9 CL9 F . 15.16 -8.07 0.17
N7 CL9 F . 14.39 -6.02 0.40
N6 CL9 F . 12.81 -4.61 -1.82
N1 CL9 F . 13.12 -6.59 -2.98
C1' CL9 F . 15.82 -9.39 0.47
C2' CL9 F . 16.59 -9.98 -0.69
C3' CL9 F . 17.69 -10.78 -0.03
O3' CL9 F . 17.41 -12.18 -0.16
C4' CL9 F . 17.73 -10.34 1.43
O4' CL9 F . 16.76 -9.31 1.56
C5' CL9 F . 19.11 -9.81 1.79
O5' CL9 F . 19.05 -8.82 2.84
#